data_7Z70
#
_entry.id   7Z70
#
_cell.length_a   56.563
_cell.length_b   85.987
_cell.length_c   134.686
_cell.angle_alpha   90.000
_cell.angle_beta   90.000
_cell.angle_gamma   90.000
#
_symmetry.space_group_name_H-M   'P 21 21 21'
#
loop_
_entity.id
_entity.type
_entity.pdbx_description
1 polymer 'Angiotensin-converting enzyme'
2 branched alpha-D-mannopyranose-(1-3)-beta-D-mannopyranose-(1-4)-2-acetamido-2-deoxy-beta-D-glucopyranose-(1-4)-[alpha-L-fucopyranose-(1-6)]2-acetamido-2-deoxy-beta-D-glucopyranose
3 non-polymer fosinoprilat
4 non-polymer 2-acetamido-2-deoxy-beta-D-glucopyranose
5 non-polymer 'BORIC ACID'
6 non-polymer 'ACETATE ION'
7 non-polymer IMIDAZOLE
8 non-polymer 1,2-ETHANEDIOL
9 non-polymer 'ZINC ION'
10 non-polymer 'CHLORIDE ION'
11 water water
#
_entity_poly.entity_id   1
_entity_poly.type   'polypeptide(L)'
_entity_poly.pdbx_seq_one_letter_code
;LVTDEAEASKFVEEYDRTSQVVWNEYAGANWNYNTNITTETSKILLQKNMQIAQHTLKYGTQARKFDVNQLQNTTIKRII
KKVQDLERAALPAQELEEYNKILLDMETTYSVATVCHPQGSCLQLEPDLTNVMATSRKYEDLLWAWEGWRDKAGRAILQF
YPKYVELINQAARLNGYVDAGDSWRSMYETPSLEQDLERLFQELQPLYLNLHAYVRRALHRHYGAQHINLEGPIPAHLLG
NMWAQTWSNIYDLVVPFPSAPSMDTTEAMLKQGWTPRRMFKEADDFFTSLGLLPVPPEFWQKSMLEKPTDGREVVCHASA
WDFYNGKDFRIKQCTTVNLEDLVVAHHEMGHIQYFMQYKDLPVALREGANPGFHEAIGDVLALSVSTPKHLHSLNLLSSE
GGSDEHDINFLMKMALDKIAFIPFSYLVDQWRWRVFDGSITKENYNQEWWSLRLKYQGL(CSO)PPVPRTQGDFDPGAKF
HIPSSVPYIRYFVSFIIQFQFHEALCQAAGHTGPLHKCDIYQSKEAGQRLATAMKLGFSRPWPEAMQLITGQPQMSASAM
LSYFKPLLDWLRTENELHGEKLGWPQYNWTPNSARSEGPLP
;
_entity_poly.pdbx_strand_id   A
#
# COMPACT_ATOMS: atom_id res chain seq x y z
N ASP A 4 14.15 26.65 -30.21
CA ASP A 4 13.41 25.40 -29.86
C ASP A 4 13.84 24.90 -28.49
N GLU A 5 15.14 24.61 -28.34
CA GLU A 5 15.63 24.07 -27.09
C GLU A 5 15.50 25.09 -25.96
N ALA A 6 15.76 26.37 -26.27
CA ALA A 6 15.75 27.40 -25.24
C ALA A 6 14.33 27.67 -24.75
N GLU A 7 13.35 27.69 -25.65
CA GLU A 7 11.97 27.85 -25.22
C GLU A 7 11.54 26.70 -24.32
N ALA A 8 12.01 25.49 -24.63
CA ALA A 8 11.64 24.33 -23.83
C ALA A 8 12.27 24.39 -22.45
N SER A 9 13.52 24.86 -22.37
CA SER A 9 14.17 25.03 -21.08
C SER A 9 13.46 26.08 -20.24
N LYS A 10 13.10 27.22 -20.85
CA LYS A 10 12.37 28.25 -20.13
C LYS A 10 11.00 27.77 -19.69
N PHE A 11 10.35 26.95 -20.51
CA PHE A 11 9.03 26.44 -20.15
C PHE A 11 9.10 25.60 -18.87
N VAL A 12 10.03 24.64 -18.82
CA VAL A 12 10.09 23.78 -17.64
C VAL A 12 10.45 24.61 -16.40
N GLU A 13 11.29 25.63 -16.58
CA GLU A 13 11.63 26.49 -15.44
C GLU A 13 10.38 27.21 -14.92
N GLU A 14 9.55 27.73 -15.83
CA GLU A 14 8.33 28.42 -15.43
C GLU A 14 7.32 27.45 -14.85
N TYR A 15 7.19 26.26 -15.46
CA TYR A 15 6.29 25.26 -14.92
C TYR A 15 6.67 24.88 -13.51
N ASP A 16 7.97 24.76 -13.24
N ASP A 16 7.97 24.74 -13.25
CA ASP A 16 8.39 24.30 -11.92
CA ASP A 16 8.41 24.31 -11.93
C ASP A 16 8.11 25.34 -10.84
C ASP A 16 8.08 25.35 -10.87
N ARG A 17 8.44 26.60 -11.11
CA ARG A 17 8.29 27.60 -10.05
C ARG A 17 6.81 27.89 -9.79
N THR A 18 5.97 27.82 -10.82
CA THR A 18 4.55 28.06 -10.62
C THR A 18 3.84 26.84 -10.03
N SER A 19 4.29 25.63 -10.36
CA SER A 19 3.67 24.44 -9.82
C SER A 19 3.90 24.32 -8.31
N GLN A 20 5.10 24.64 -7.85
CA GLN A 20 5.38 24.58 -6.42
C GLN A 20 4.34 25.33 -5.62
N VAL A 21 3.97 26.52 -6.08
CA VAL A 21 3.00 27.34 -5.35
C VAL A 21 1.61 26.72 -5.41
N VAL A 22 1.16 26.37 -6.61
CA VAL A 22 -0.21 25.89 -6.77
C VAL A 22 -0.39 24.56 -6.05
N TRP A 23 0.59 23.66 -6.18
CA TRP A 23 0.48 22.36 -5.54
C TRP A 23 0.53 22.48 -4.03
N ASN A 24 1.33 23.40 -3.52
CA ASN A 24 1.42 23.57 -2.07
C ASN A 24 0.08 24.01 -1.50
N GLU A 25 -0.62 24.91 -2.18
CA GLU A 25 -1.92 25.35 -1.70
C GLU A 25 -2.95 24.24 -1.79
N TYR A 26 -2.92 23.47 -2.89
CA TYR A 26 -3.84 22.34 -3.00
C TYR A 26 -3.59 21.32 -1.89
N ALA A 27 -2.32 20.98 -1.66
CA ALA A 27 -1.99 20.02 -0.62
C ALA A 27 -2.47 20.52 0.75
N GLY A 28 -2.37 21.82 1.00
CA GLY A 28 -2.85 22.36 2.26
C GLY A 28 -4.34 22.17 2.45
N ALA A 29 -5.11 22.50 1.41
CA ALA A 29 -6.56 22.34 1.49
C ALA A 29 -6.94 20.86 1.57
N ASN A 30 -6.25 20.02 0.80
CA ASN A 30 -6.52 18.59 0.86
C ASN A 30 -6.22 18.04 2.26
N TRP A 31 -5.09 18.45 2.84
CA TRP A 31 -4.78 18.05 4.21
C TRP A 31 -5.85 18.53 5.19
N ASN A 32 -6.24 19.81 5.07
CA ASN A 32 -7.21 20.37 6.00
C ASN A 32 -8.53 19.64 5.95
N TYR A 33 -8.92 19.16 4.77
CA TYR A 33 -10.13 18.35 4.68
C TYR A 33 -9.91 16.96 5.27
N ASN A 34 -8.79 16.33 4.92
CA ASN A 34 -8.52 14.97 5.40
C ASN A 34 -8.42 14.90 6.92
N THR A 35 -7.98 15.98 7.59
CA THR A 35 -7.82 15.97 9.03
C THR A 35 -8.95 16.70 9.74
N ASN A 36 -10.03 17.02 9.02
CA ASN A 36 -11.13 17.80 9.59
C ASN A 36 -12.24 17.86 8.55
N ILE A 37 -12.97 16.76 8.40
CA ILE A 37 -14.02 16.66 7.39
C ILE A 37 -15.20 17.52 7.84
N THR A 38 -15.44 18.61 7.11
CA THR A 38 -16.54 19.52 7.39
C THR A 38 -17.06 20.05 6.06
N THR A 39 -18.27 20.62 6.08
CA THR A 39 -18.79 21.22 4.85
C THR A 39 -17.86 22.34 4.38
N GLU A 40 -17.28 23.09 5.30
CA GLU A 40 -16.40 24.20 4.91
C GLU A 40 -15.14 23.69 4.23
N THR A 41 -14.40 22.79 4.90
CA THR A 41 -13.14 22.34 4.32
C THR A 41 -13.36 21.64 2.98
N SER A 42 -14.52 21.00 2.78
CA SER A 42 -14.79 20.38 1.49
C SER A 42 -14.94 21.44 0.40
N LYS A 43 -15.71 22.49 0.68
CA LYS A 43 -15.91 23.54 -0.33
C LYS A 43 -14.59 24.21 -0.69
N ILE A 44 -13.74 24.47 0.31
CA ILE A 44 -12.42 25.02 0.02
C ILE A 44 -11.63 24.06 -0.85
N LEU A 45 -11.67 22.77 -0.51
CA LEU A 45 -10.93 21.78 -1.28
C LEU A 45 -11.42 21.73 -2.73
N LEU A 46 -12.73 21.62 -2.92
CA LEU A 46 -13.27 21.63 -4.28
C LEU A 46 -12.88 22.91 -5.03
N GLN A 47 -12.74 24.02 -4.31
CA GLN A 47 -12.32 25.27 -4.94
C GLN A 47 -10.86 25.19 -5.36
N LYS A 48 -9.98 24.72 -4.47
CA LYS A 48 -8.57 24.60 -4.83
C LYS A 48 -8.38 23.60 -5.97
N ASN A 49 -9.29 22.63 -6.11
CA ASN A 49 -9.20 21.68 -7.20
C ASN A 49 -9.34 22.38 -8.54
N MET A 50 -10.17 23.43 -8.61
CA MET A 50 -10.32 24.15 -9.86
C MET A 50 -9.10 25.01 -10.14
N GLN A 51 -8.52 25.61 -9.10
CA GLN A 51 -7.28 26.38 -9.28
C GLN A 51 -6.17 25.51 -9.85
N ILE A 52 -5.95 24.33 -9.27
CA ILE A 52 -4.88 23.47 -9.78
C ILE A 52 -5.24 22.97 -11.17
N ALA A 53 -6.51 22.70 -11.44
CA ALA A 53 -6.91 22.28 -12.77
C ALA A 53 -6.60 23.37 -13.80
N GLN A 54 -6.91 24.63 -13.46
CA GLN A 54 -6.62 25.73 -14.36
C GLN A 54 -5.14 25.80 -14.66
N HIS A 55 -4.30 25.61 -13.64
CA HIS A 55 -2.85 25.60 -13.83
C HIS A 55 -2.43 24.45 -14.74
N THR A 56 -2.95 23.26 -14.47
CA THR A 56 -2.60 22.10 -15.29
C THR A 56 -3.02 22.30 -16.73
N LEU A 57 -4.19 22.86 -16.96
CA LEU A 57 -4.66 23.07 -18.32
C LEU A 57 -3.77 24.07 -19.06
N LYS A 58 -3.42 25.18 -18.40
CA LYS A 58 -2.57 26.18 -19.04
C LYS A 58 -1.24 25.58 -19.47
N TYR A 59 -0.52 24.98 -18.53
CA TYR A 59 0.83 24.50 -18.83
C TYR A 59 0.81 23.20 -19.63
N GLY A 60 -0.22 22.36 -19.44
CA GLY A 60 -0.33 21.17 -20.26
C GLY A 60 -0.62 21.50 -21.71
N THR A 61 -1.51 22.46 -21.96
CA THR A 61 -1.77 22.89 -23.32
C THR A 61 -0.50 23.38 -24.00
N GLN A 62 0.31 24.17 -23.29
CA GLN A 62 1.55 24.65 -23.89
C GLN A 62 2.55 23.52 -24.07
N ALA A 63 2.62 22.61 -23.11
CA ALA A 63 3.52 21.46 -23.23
C ALA A 63 3.24 20.69 -24.52
N ARG A 64 1.96 20.57 -24.88
CA ARG A 64 1.58 19.82 -26.08
C ARG A 64 1.96 20.53 -27.36
N LYS A 65 2.29 21.82 -27.30
CA LYS A 65 2.76 22.53 -28.48
C LYS A 65 4.20 22.20 -28.83
N PHE A 66 4.94 21.61 -27.90
CA PHE A 66 6.30 21.20 -28.18
C PHE A 66 6.30 19.84 -28.86
N ASP A 67 7.08 19.72 -29.92
CA ASP A 67 7.36 18.42 -30.54
C ASP A 67 8.44 17.75 -29.70
N VAL A 68 8.03 16.81 -28.84
CA VAL A 68 8.99 16.13 -27.98
C VAL A 68 10.05 15.41 -28.81
N ASN A 69 9.70 14.99 -30.03
CA ASN A 69 10.67 14.29 -30.87
C ASN A 69 11.90 15.16 -31.14
N GLN A 70 11.70 16.46 -31.32
CA GLN A 70 12.78 17.36 -31.70
C GLN A 70 13.56 17.91 -30.52
N LEU A 71 13.20 17.57 -29.29
CA LEU A 71 13.95 18.01 -28.13
C LEU A 71 15.20 17.15 -27.96
N GLN A 72 16.33 17.80 -27.68
CA GLN A 72 17.59 17.09 -27.53
C GLN A 72 17.88 16.69 -26.08
N ASN A 73 17.78 17.65 -25.15
CA ASN A 73 18.05 17.33 -23.74
C ASN A 73 17.02 16.33 -23.24
N THR A 74 17.49 15.20 -22.72
CA THR A 74 16.59 14.11 -22.34
C THR A 74 15.77 14.45 -21.11
N THR A 75 16.34 15.23 -20.18
CA THR A 75 15.59 15.60 -18.97
C THR A 75 14.43 16.51 -19.31
N ILE A 76 14.69 17.56 -20.11
CA ILE A 76 13.62 18.46 -20.53
C ILE A 76 12.56 17.70 -21.32
N LYS A 77 13.00 16.85 -22.24
CA LYS A 77 12.07 16.00 -22.99
C LYS A 77 11.17 15.21 -22.05
N ARG A 78 11.74 14.65 -20.99
CA ARG A 78 10.96 13.81 -20.09
C ARG A 78 9.94 14.63 -19.32
N ILE A 79 10.31 15.82 -18.89
CA ILE A 79 9.37 16.66 -18.14
C ILE A 79 8.22 17.09 -19.04
N ILE A 80 8.53 17.57 -20.25
CA ILE A 80 7.50 18.10 -21.12
C ILE A 80 6.51 17.00 -21.49
N LYS A 81 7.02 15.82 -21.87
CA LYS A 81 6.13 14.71 -22.21
C LYS A 81 5.17 14.43 -21.05
N LYS A 82 5.67 14.48 -19.82
CA LYS A 82 4.83 14.23 -18.66
C LYS A 82 3.79 15.34 -18.50
N VAL A 83 4.19 16.60 -18.67
CA VAL A 83 3.26 17.70 -18.49
C VAL A 83 2.18 17.69 -19.57
N GLN A 84 2.39 16.97 -20.67
CA GLN A 84 1.36 16.87 -21.70
C GLN A 84 0.16 16.05 -21.25
N ASP A 85 0.28 15.30 -20.17
CA ASP A 85 -0.84 14.53 -19.60
C ASP A 85 -1.56 15.43 -18.59
N LEU A 86 -2.77 15.88 -18.96
CA LEU A 86 -3.52 16.78 -18.10
C LEU A 86 -4.30 16.03 -17.02
N GLU A 87 -4.35 14.69 -17.09
CA GLU A 87 -5.18 13.91 -16.18
C GLU A 87 -6.59 14.49 -16.22
N ARG A 88 -7.22 14.64 -15.06
CA ARG A 88 -8.63 15.05 -15.02
C ARG A 88 -8.83 16.44 -15.61
N ALA A 89 -7.80 17.26 -15.64
CA ALA A 89 -7.95 18.61 -16.21
C ALA A 89 -8.25 18.60 -17.69
N ALA A 90 -8.09 17.46 -18.37
CA ALA A 90 -8.50 17.39 -19.78
C ALA A 90 -10.00 17.38 -19.96
N LEU A 91 -10.76 17.11 -18.90
CA LEU A 91 -12.21 17.01 -19.02
C LEU A 91 -12.84 18.39 -19.26
N PRO A 92 -13.98 18.44 -19.94
CA PRO A 92 -14.76 19.68 -19.98
C PRO A 92 -15.22 20.08 -18.58
N ALA A 93 -15.48 21.38 -18.42
CA ALA A 93 -15.71 21.95 -17.09
C ALA A 93 -16.79 21.20 -16.32
N GLN A 94 -17.91 20.88 -16.98
CA GLN A 94 -18.98 20.17 -16.31
C GLN A 94 -18.52 18.81 -15.80
N GLU A 95 -17.89 18.02 -16.66
CA GLU A 95 -17.45 16.69 -16.27
C GLU A 95 -16.38 16.74 -15.19
N LEU A 96 -15.51 17.76 -15.21
CA LEU A 96 -14.48 17.85 -14.19
C LEU A 96 -15.10 18.13 -12.82
N GLU A 97 -16.03 19.08 -12.77
CA GLU A 97 -16.73 19.36 -11.51
C GLU A 97 -17.45 18.12 -10.99
N GLU A 98 -18.10 17.38 -11.89
CA GLU A 98 -18.78 16.16 -11.48
C GLU A 98 -17.78 15.14 -10.95
N TYR A 99 -16.67 14.95 -11.66
CA TYR A 99 -15.68 13.97 -11.26
C TYR A 99 -15.11 14.29 -9.88
N ASN A 100 -14.74 15.56 -9.66
CA ASN A 100 -14.20 15.95 -8.37
C ASN A 100 -15.21 15.71 -7.26
N LYS A 101 -16.48 15.98 -7.51
CA LYS A 101 -17.50 15.75 -6.50
C LYS A 101 -17.69 14.27 -6.24
N ILE A 102 -17.63 13.44 -7.29
CA ILE A 102 -17.74 12.00 -7.10
C ILE A 102 -16.59 11.48 -6.25
N LEU A 103 -15.37 11.92 -6.54
CA LEU A 103 -14.22 11.45 -5.76
C LEU A 103 -14.35 11.88 -4.31
N LEU A 104 -14.78 13.12 -4.07
CA LEU A 104 -14.95 13.59 -2.70
C LEU A 104 -16.02 12.78 -1.98
N ASP A 105 -17.15 12.52 -2.67
CA ASP A 105 -18.23 11.77 -2.04
C ASP A 105 -17.80 10.35 -1.73
N MET A 106 -17.05 9.72 -2.63
CA MET A 106 -16.62 8.34 -2.39
C MET A 106 -15.65 8.27 -1.20
N GLU A 107 -14.65 9.16 -1.18
CA GLU A 107 -13.66 9.08 -0.10
C GLU A 107 -14.29 9.45 1.24
N THR A 108 -15.19 10.44 1.26
CA THR A 108 -15.87 10.79 2.50
C THR A 108 -16.75 9.64 2.98
N THR A 109 -17.55 9.07 2.08
CA THR A 109 -18.41 7.95 2.44
C THR A 109 -17.63 6.83 3.10
N TYR A 110 -16.48 6.48 2.52
CA TYR A 110 -15.66 5.41 3.09
C TYR A 110 -15.15 5.79 4.47
N SER A 111 -14.74 7.04 4.66
CA SER A 111 -14.02 7.42 5.87
C SER A 111 -14.93 7.76 7.04
N VAL A 112 -16.24 7.86 6.84
CA VAL A 112 -17.16 8.15 7.93
C VAL A 112 -18.13 7.01 8.18
N ALA A 113 -18.03 5.91 7.44
CA ALA A 113 -18.96 4.81 7.62
C ALA A 113 -18.77 4.16 8.98
N THR A 114 -19.89 3.72 9.58
CA THR A 114 -19.87 3.04 10.86
C THR A 114 -20.75 1.79 10.80
N VAL A 115 -20.45 0.84 11.67
CA VAL A 115 -21.22 -0.39 11.80
C VAL A 115 -21.73 -0.47 13.24
N CYS A 116 -23.04 -0.64 13.40
CA CYS A 116 -23.66 -0.58 14.72
C CYS A 116 -24.11 -1.96 15.16
N HIS A 117 -23.75 -2.32 16.39
CA HIS A 117 -24.36 -3.48 17.03
C HIS A 117 -25.88 -3.27 17.06
N PRO A 118 -26.66 -4.34 17.02
CA PRO A 118 -28.12 -4.19 17.11
C PRO A 118 -28.52 -3.52 18.41
N GLN A 119 -29.15 -2.35 18.31
CA GLN A 119 -29.60 -1.60 19.48
C GLN A 119 -28.43 -1.18 20.36
N GLY A 120 -27.25 -0.99 19.77
CA GLY A 120 -26.06 -0.70 20.54
C GLY A 120 -25.12 0.32 19.91
N SER A 121 -23.85 0.27 20.29
CA SER A 121 -22.89 1.27 19.85
C SER A 121 -22.51 1.07 18.39
N CYS A 122 -22.02 2.14 17.77
CA CYS A 122 -21.61 2.13 16.37
C CYS A 122 -20.09 2.20 16.29
N LEU A 123 -19.48 1.31 15.51
CA LEU A 123 -18.05 1.18 15.44
C LEU A 123 -17.52 1.78 14.15
N GLN A 124 -16.37 2.46 14.26
CA GLN A 124 -15.64 2.93 13.09
C GLN A 124 -14.58 1.91 12.71
N LEU A 125 -14.15 1.98 11.45
CA LEU A 125 -13.17 1.00 10.95
C LEU A 125 -11.91 1.02 11.80
N GLU A 126 -11.39 2.20 12.09
CA GLU A 126 -10.19 2.37 12.89
C GLU A 126 -10.51 3.17 14.15
N PRO A 127 -10.25 2.66 15.35
CA PRO A 127 -9.62 1.38 15.66
C PRO A 127 -10.57 0.20 15.83
N ASP A 128 -11.88 0.45 15.89
CA ASP A 128 -12.81 -0.51 16.47
C ASP A 128 -12.92 -1.78 15.63
N LEU A 129 -13.34 -1.66 14.37
CA LEU A 129 -13.57 -2.87 13.58
C LEU A 129 -12.25 -3.56 13.26
N THR A 130 -11.18 -2.79 13.06
CA THR A 130 -9.86 -3.37 12.88
C THR A 130 -9.50 -4.25 14.06
N ASN A 131 -9.75 -3.78 15.29
N ASN A 131 -9.76 -3.79 15.28
CA ASN A 131 -9.43 -4.57 16.47
CA ASN A 131 -9.43 -4.58 16.46
C ASN A 131 -10.29 -5.84 16.54
C ASN A 131 -10.30 -5.84 16.56
N VAL A 132 -11.57 -5.74 16.16
CA VAL A 132 -12.43 -6.91 16.19
C VAL A 132 -11.89 -7.98 15.24
N MET A 133 -11.58 -7.59 14.01
CA MET A 133 -11.06 -8.55 13.04
C MET A 133 -9.75 -9.18 13.54
N ALA A 134 -8.92 -8.40 14.22
CA ALA A 134 -7.62 -8.90 14.65
C ALA A 134 -7.68 -9.81 15.88
N THR A 135 -8.60 -9.57 16.81
CA THR A 135 -8.56 -10.25 18.10
C THR A 135 -9.71 -11.22 18.33
N SER A 136 -10.89 -10.99 17.74
CA SER A 136 -12.01 -11.87 18.00
C SER A 136 -11.74 -13.26 17.41
N ARG A 137 -12.09 -14.28 18.17
CA ARG A 137 -11.96 -15.67 17.71
C ARG A 137 -13.33 -16.35 17.67
N LYS A 138 -14.38 -15.57 17.43
CA LYS A 138 -15.75 -16.05 17.37
C LYS A 138 -16.31 -15.83 15.98
N TYR A 139 -16.78 -16.92 15.36
CA TYR A 139 -17.21 -16.88 13.96
C TYR A 139 -18.31 -15.84 13.74
N GLU A 140 -19.31 -15.81 14.62
CA GLU A 140 -20.44 -14.91 14.42
C GLU A 140 -20.04 -13.46 14.66
N ASP A 141 -19.15 -13.22 15.63
N ASP A 141 -19.15 -13.22 15.62
CA ASP A 141 -18.68 -11.86 15.89
CA ASP A 141 -18.68 -11.86 15.88
C ASP A 141 -17.88 -11.33 14.70
C ASP A 141 -17.88 -11.33 14.70
N LEU A 142 -16.99 -12.14 14.14
CA LEU A 142 -16.23 -11.74 12.96
C LEU A 142 -17.15 -11.55 11.77
N LEU A 143 -18.20 -12.38 11.67
CA LEU A 143 -19.12 -12.26 10.55
C LEU A 143 -19.89 -10.94 10.61
N TRP A 144 -20.33 -10.55 11.79
CA TRP A 144 -21.05 -9.29 11.94
C TRP A 144 -20.19 -8.12 11.48
N ALA A 145 -18.92 -8.10 11.88
CA ALA A 145 -18.03 -7.00 11.50
C ALA A 145 -17.73 -7.02 10.01
N TRP A 146 -17.40 -8.21 9.47
CA TRP A 146 -17.05 -8.34 8.07
C TRP A 146 -18.23 -7.96 7.17
N GLU A 147 -19.41 -8.48 7.47
CA GLU A 147 -20.59 -8.16 6.66
C GLU A 147 -21.04 -6.73 6.88
N GLY A 148 -21.04 -6.27 8.14
CA GLY A 148 -21.47 -4.93 8.43
C GLY A 148 -20.65 -3.88 7.69
N TRP A 149 -19.33 -4.06 7.66
CA TRP A 149 -18.48 -3.08 6.99
C TRP A 149 -18.80 -3.01 5.50
N ARG A 150 -19.09 -4.15 4.88
CA ARG A 150 -19.42 -4.13 3.46
C ARG A 150 -20.83 -3.58 3.23
N ASP A 151 -21.75 -3.82 4.17
CA ASP A 151 -23.10 -3.29 4.02
C ASP A 151 -23.10 -1.76 4.07
N LYS A 152 -22.26 -1.19 4.93
CA LYS A 152 -22.28 0.25 5.18
C LYS A 152 -21.27 1.02 4.34
N ALA A 153 -20.08 0.46 4.10
CA ALA A 153 -19.08 1.12 3.26
C ALA A 153 -19.24 0.72 1.81
N GLY A 154 -19.17 -0.58 1.52
CA GLY A 154 -19.23 -1.08 0.17
C GLY A 154 -20.49 -0.71 -0.58
N ARG A 155 -21.65 -1.05 -0.03
CA ARG A 155 -22.90 -0.78 -0.73
C ARG A 155 -23.10 0.70 -0.98
N ALA A 156 -22.61 1.55 -0.07
CA ALA A 156 -22.80 2.98 -0.19
C ALA A 156 -21.94 3.61 -1.27
N ILE A 157 -20.89 2.90 -1.73
CA ILE A 157 -20.06 3.42 -2.80
C ILE A 157 -20.65 3.11 -4.17
N LEU A 158 -21.49 2.07 -4.26
CA LEU A 158 -21.91 1.55 -5.56
C LEU A 158 -22.58 2.63 -6.44
N GLN A 159 -23.33 3.54 -5.83
CA GLN A 159 -24.05 4.53 -6.62
C GLN A 159 -23.10 5.46 -7.39
N PHE A 160 -21.86 5.60 -6.92
CA PHE A 160 -20.91 6.51 -7.56
C PHE A 160 -20.03 5.84 -8.60
N TYR A 161 -19.82 4.52 -8.53
CA TYR A 161 -18.68 3.95 -9.23
C TYR A 161 -18.84 3.94 -10.75
N PRO A 162 -20.00 3.61 -11.30
CA PRO A 162 -20.11 3.62 -12.76
C PRO A 162 -19.76 4.97 -13.38
N LYS A 163 -20.23 6.06 -12.79
CA LYS A 163 -19.92 7.39 -13.34
C LYS A 163 -18.45 7.73 -13.13
N TYR A 164 -17.88 7.33 -11.98
CA TYR A 164 -16.45 7.47 -11.78
C TYR A 164 -15.67 6.78 -12.88
N VAL A 165 -16.04 5.54 -13.21
CA VAL A 165 -15.36 4.81 -14.27
C VAL A 165 -15.48 5.56 -15.60
N GLU A 166 -16.70 6.01 -15.92
CA GLU A 166 -16.91 6.73 -17.17
C GLU A 166 -16.00 7.95 -17.25
N LEU A 167 -15.90 8.72 -16.16
CA LEU A 167 -15.18 9.99 -16.22
C LEU A 167 -13.67 9.79 -16.18
N ILE A 168 -13.18 8.85 -15.37
CA ILE A 168 -11.73 8.67 -15.32
C ILE A 168 -11.24 8.06 -16.64
N ASN A 169 -12.06 7.21 -17.27
CA ASN A 169 -11.72 6.70 -18.59
C ASN A 169 -11.75 7.81 -19.64
N GLN A 170 -12.75 8.70 -19.56
CA GLN A 170 -12.85 9.77 -20.53
C GLN A 170 -11.62 10.67 -20.46
N ALA A 171 -11.18 11.01 -19.25
CA ALA A 171 -9.97 11.80 -19.11
C ALA A 171 -8.77 11.05 -19.68
N ALA A 172 -8.64 9.76 -19.40
CA ALA A 172 -7.54 8.97 -19.93
C ALA A 172 -7.51 9.03 -21.45
N ARG A 173 -8.65 8.88 -22.09
CA ARG A 173 -8.70 8.92 -23.55
C ARG A 173 -8.36 10.31 -24.08
N LEU A 174 -8.78 11.36 -23.39
CA LEU A 174 -8.42 12.71 -23.81
C LEU A 174 -6.93 12.99 -23.65
N ASN A 175 -6.20 12.14 -22.93
CA ASN A 175 -4.76 12.26 -22.77
C ASN A 175 -3.99 11.21 -23.57
N GLY A 176 -4.65 10.49 -24.48
CA GLY A 176 -3.96 9.61 -25.41
C GLY A 176 -3.94 8.13 -25.04
N TYR A 177 -4.57 7.74 -23.94
CA TYR A 177 -4.63 6.33 -23.54
C TYR A 177 -5.97 5.73 -23.98
N VAL A 178 -6.07 4.41 -23.92
CA VAL A 178 -7.32 3.78 -24.34
C VAL A 178 -8.32 3.68 -23.18
N ASP A 179 -7.84 3.66 -21.95
CA ASP A 179 -8.67 3.68 -20.76
C ASP A 179 -7.78 4.01 -19.57
N ALA A 180 -8.40 4.18 -18.39
CA ALA A 180 -7.65 4.59 -17.20
C ALA A 180 -6.65 3.55 -16.74
N GLY A 181 -6.91 2.27 -16.98
CA GLY A 181 -5.98 1.25 -16.55
C GLY A 181 -4.73 1.25 -17.40
N ASP A 182 -4.89 1.43 -18.71
CA ASP A 182 -3.77 1.70 -19.61
C ASP A 182 -2.90 2.82 -19.06
N SER A 183 -3.52 3.93 -18.65
CA SER A 183 -2.73 5.06 -18.16
C SER A 183 -2.02 4.74 -16.86
N TRP A 184 -2.67 3.96 -15.99
CA TRP A 184 -2.04 3.59 -14.72
C TRP A 184 -0.83 2.68 -14.94
N ARG A 185 -0.99 1.66 -15.80
CA ARG A 185 0.13 0.77 -16.09
C ARG A 185 1.30 1.52 -16.71
N SER A 186 1.03 2.59 -17.48
CA SER A 186 2.11 3.34 -18.12
C SER A 186 3.05 3.99 -17.12
N MET A 187 2.60 4.16 -15.87
CA MET A 187 3.48 4.72 -14.85
C MET A 187 4.78 3.91 -14.71
N TYR A 188 4.79 2.65 -15.14
CA TYR A 188 5.96 1.79 -15.01
C TYR A 188 6.88 1.82 -16.24
N GLU A 189 6.43 2.40 -17.35
CA GLU A 189 7.27 2.53 -18.54
C GLU A 189 7.85 1.18 -18.94
N THR A 190 7.02 0.14 -18.83
CA THR A 190 7.44 -1.24 -19.06
C THR A 190 6.40 -1.93 -19.94
N PRO A 191 6.63 -1.99 -21.26
CA PRO A 191 5.63 -2.60 -22.14
C PRO A 191 5.27 -4.02 -21.74
N SER A 192 6.18 -4.75 -21.11
CA SER A 192 5.98 -6.15 -20.75
C SER A 192 5.46 -6.31 -19.33
N LEU A 193 4.83 -5.27 -18.77
CA LEU A 193 4.48 -5.28 -17.35
C LEU A 193 3.53 -6.42 -17.01
N GLU A 194 2.48 -6.63 -17.81
CA GLU A 194 1.48 -7.63 -17.45
C GLU A 194 2.10 -9.03 -17.42
N GLN A 195 2.92 -9.35 -18.42
CA GLN A 195 3.61 -10.65 -18.41
C GLN A 195 4.59 -10.73 -17.25
N ASP A 196 5.39 -9.67 -17.03
CA ASP A 196 6.38 -9.71 -15.96
C ASP A 196 5.74 -9.94 -14.60
N LEU A 197 4.64 -9.23 -14.33
CA LEU A 197 3.96 -9.41 -13.06
C LEU A 197 3.36 -10.80 -12.93
N GLU A 198 2.80 -11.33 -14.02
N GLU A 198 2.80 -11.34 -14.01
CA GLU A 198 2.20 -12.67 -13.97
CA GLU A 198 2.20 -12.67 -13.95
C GLU A 198 3.24 -13.71 -13.60
C GLU A 198 3.24 -13.72 -13.62
N ARG A 199 4.43 -13.63 -14.21
CA ARG A 199 5.48 -14.60 -13.92
C ARG A 199 5.94 -14.50 -12.48
N LEU A 200 6.03 -13.28 -11.92
CA LEU A 200 6.38 -13.12 -10.52
C LEU A 200 5.33 -13.75 -9.63
N PHE A 201 4.05 -13.52 -9.93
CA PHE A 201 2.98 -14.13 -9.15
C PHE A 201 3.10 -15.65 -9.16
N GLN A 202 3.28 -16.24 -10.34
CA GLN A 202 3.35 -17.69 -10.44
C GLN A 202 4.53 -18.25 -9.64
N GLU A 203 5.61 -17.47 -9.50
CA GLU A 203 6.76 -17.97 -8.75
C GLU A 203 6.47 -18.09 -7.26
N LEU A 204 5.53 -17.32 -6.74
CA LEU A 204 5.16 -17.37 -5.33
C LEU A 204 4.04 -18.38 -5.05
N GLN A 205 3.60 -19.14 -6.06
CA GLN A 205 2.49 -20.06 -5.85
C GLN A 205 2.83 -21.19 -4.89
N PRO A 206 3.98 -21.86 -5.00
CA PRO A 206 4.29 -22.93 -4.04
C PRO A 206 4.21 -22.45 -2.59
N LEU A 207 4.81 -21.30 -2.28
CA LEU A 207 4.76 -20.81 -0.90
C LEU A 207 3.33 -20.49 -0.48
N TYR A 208 2.58 -19.81 -1.35
CA TYR A 208 1.25 -19.41 -0.93
C TYR A 208 0.32 -20.61 -0.78
N LEU A 209 0.35 -21.54 -1.73
CA LEU A 209 -0.53 -22.70 -1.63
C LEU A 209 -0.23 -23.51 -0.37
N ASN A 210 1.05 -23.62 -0.01
CA ASN A 210 1.41 -24.38 1.18
C ASN A 210 1.02 -23.62 2.45
N LEU A 211 1.20 -22.29 2.45
CA LEU A 211 0.77 -21.51 3.60
C LEU A 211 -0.75 -21.58 3.75
N HIS A 212 -1.46 -21.46 2.63
CA HIS A 212 -2.92 -21.49 2.64
C HIS A 212 -3.45 -22.80 3.23
N ALA A 213 -2.90 -23.92 2.79
CA ALA A 213 -3.36 -25.22 3.29
C ALA A 213 -3.06 -25.39 4.77
N TYR A 214 -1.90 -24.91 5.22
CA TYR A 214 -1.54 -25.04 6.63
C TYR A 214 -2.44 -24.20 7.52
N VAL A 215 -2.67 -22.95 7.13
CA VAL A 215 -3.57 -22.08 7.86
C VAL A 215 -4.99 -22.64 7.83
N ARG A 216 -5.41 -23.18 6.68
CA ARG A 216 -6.74 -23.77 6.57
C ARG A 216 -6.91 -24.91 7.55
N ARG A 217 -5.87 -25.74 7.70
CA ARG A 217 -5.93 -26.83 8.67
C ARG A 217 -6.09 -26.30 10.08
N ALA A 218 -5.35 -25.24 10.43
CA ALA A 218 -5.43 -24.69 11.76
C ALA A 218 -6.79 -24.06 12.02
N LEU A 219 -7.37 -23.38 11.03
CA LEU A 219 -8.70 -22.84 11.20
C LEU A 219 -9.73 -23.94 11.39
N HIS A 220 -9.59 -25.04 10.64
CA HIS A 220 -10.43 -26.22 10.85
C HIS A 220 -10.39 -26.66 12.31
N ARG A 221 -9.19 -26.68 12.90
CA ARG A 221 -9.05 -27.05 14.29
C ARG A 221 -9.80 -26.11 15.22
N HIS A 222 -9.72 -24.81 14.97
CA HIS A 222 -10.35 -23.88 15.91
C HIS A 222 -11.82 -23.64 15.63
N TYR A 223 -12.20 -23.46 14.36
CA TYR A 223 -13.58 -23.03 14.06
C TYR A 223 -14.53 -24.18 13.77
N GLY A 224 -14.04 -25.40 13.65
CA GLY A 224 -14.91 -26.54 13.55
C GLY A 224 -14.98 -27.11 12.14
N ALA A 225 -15.12 -28.44 12.07
CA ALA A 225 -15.12 -29.12 10.78
C ALA A 225 -16.34 -28.73 9.94
N GLN A 226 -17.45 -28.38 10.58
CA GLN A 226 -18.64 -27.95 9.85
C GLN A 226 -18.46 -26.60 9.18
N HIS A 227 -17.40 -25.86 9.49
CA HIS A 227 -17.24 -24.50 8.97
C HIS A 227 -15.96 -24.31 8.18
N ILE A 228 -15.12 -25.32 8.05
CA ILE A 228 -13.91 -25.25 7.24
C ILE A 228 -13.85 -26.50 6.38
N ASN A 229 -13.83 -26.31 5.06
CA ASN A 229 -13.66 -27.38 4.09
C ASN A 229 -12.18 -27.54 3.77
N LEU A 230 -11.61 -28.68 4.12
CA LEU A 230 -10.17 -28.88 3.99
C LEU A 230 -9.71 -29.01 2.54
N GLU A 231 -10.65 -29.01 1.60
CA GLU A 231 -10.34 -29.02 0.16
C GLU A 231 -10.92 -27.80 -0.55
N GLY A 232 -11.39 -26.81 0.19
CA GLY A 232 -12.04 -25.67 -0.41
C GLY A 232 -11.39 -24.35 -0.01
N PRO A 233 -12.02 -23.26 -0.40
CA PRO A 233 -11.49 -21.94 -0.03
C PRO A 233 -11.76 -21.63 1.44
N ILE A 234 -11.00 -20.68 1.97
CA ILE A 234 -11.12 -20.25 3.36
C ILE A 234 -12.13 -19.13 3.46
N PRO A 235 -13.04 -19.17 4.43
CA PRO A 235 -13.96 -18.02 4.63
C PRO A 235 -13.18 -16.73 4.91
N ALA A 236 -13.57 -15.66 4.23
CA ALA A 236 -12.75 -14.45 4.13
C ALA A 236 -12.71 -13.61 5.41
N HIS A 237 -13.41 -14.00 6.48
CA HIS A 237 -13.47 -13.18 7.69
C HIS A 237 -12.65 -13.76 8.84
N LEU A 238 -11.89 -14.82 8.58
CA LEU A 238 -11.19 -15.54 9.65
C LEU A 238 -9.69 -15.32 9.66
N LEU A 239 -9.19 -14.36 8.90
CA LEU A 239 -7.75 -14.22 8.69
C LEU A 239 -7.15 -13.05 9.47
N GLY A 240 -7.93 -12.42 10.34
CA GLY A 240 -7.39 -11.43 11.24
C GLY A 240 -7.35 -10.02 10.70
N ASN A 241 -7.86 -9.80 9.49
CA ASN A 241 -7.77 -8.53 8.81
C ASN A 241 -9.03 -8.37 7.96
N MET A 242 -9.52 -7.13 7.85
CA MET A 242 -10.84 -6.92 7.24
C MET A 242 -10.89 -7.41 5.80
N TRP A 243 -9.76 -7.36 5.08
CA TRP A 243 -9.70 -7.77 3.68
C TRP A 243 -8.95 -9.09 3.48
N ALA A 244 -8.53 -9.73 4.56
CA ALA A 244 -7.70 -10.93 4.53
C ALA A 244 -6.48 -10.72 3.65
N GLN A 245 -5.92 -9.51 3.68
CA GLN A 245 -4.78 -9.18 2.86
C GLN A 245 -3.46 -9.50 3.56
N THR A 246 -3.48 -9.49 4.88
CA THR A 246 -2.37 -9.89 5.74
C THR A 246 -2.96 -10.72 6.87
N TRP A 247 -2.25 -11.76 7.29
CA TRP A 247 -2.82 -12.77 8.19
C TRP A 247 -2.12 -12.90 9.53
N SER A 248 -1.16 -12.03 9.86
CA SER A 248 -0.35 -12.32 11.05
C SER A 248 -1.12 -12.13 12.35
N ASN A 249 -2.29 -11.51 12.34
CA ASN A 249 -3.04 -11.39 13.58
C ASN A 249 -3.65 -12.70 14.04
N ILE A 250 -3.68 -13.74 13.22
CA ILE A 250 -4.08 -15.07 13.68
C ILE A 250 -2.87 -15.97 13.92
N TYR A 251 -1.68 -15.38 14.09
CA TYR A 251 -0.50 -16.18 14.42
C TYR A 251 -0.78 -17.11 15.60
N ASP A 252 -1.50 -16.63 16.62
CA ASP A 252 -1.79 -17.45 17.79
C ASP A 252 -2.53 -18.73 17.46
N LEU A 253 -3.25 -18.77 16.35
CA LEU A 253 -3.98 -19.97 15.95
C LEU A 253 -3.14 -20.94 15.14
N VAL A 254 -1.99 -20.52 14.62
CA VAL A 254 -1.24 -21.32 13.65
C VAL A 254 0.21 -21.53 14.05
N VAL A 255 0.54 -21.30 15.32
CA VAL A 255 1.93 -21.34 15.78
C VAL A 255 2.56 -22.68 15.40
N PRO A 256 3.65 -22.68 14.63
CA PRO A 256 4.31 -23.97 14.31
C PRO A 256 4.78 -24.74 15.54
N PHE A 257 5.47 -24.07 16.46
CA PHE A 257 5.99 -24.68 17.68
C PHE A 257 5.46 -23.94 18.90
N PRO A 258 4.29 -24.31 19.40
CA PRO A 258 3.73 -23.59 20.56
C PRO A 258 4.47 -23.83 21.86
N SER A 259 5.44 -24.75 21.89
CA SER A 259 6.27 -24.92 23.08
C SER A 259 7.13 -23.69 23.34
N ALA A 260 7.36 -22.86 22.33
CA ALA A 260 8.06 -21.58 22.52
C ALA A 260 7.03 -20.51 22.86
N PRO A 261 6.99 -20.01 24.10
CA PRO A 261 5.92 -19.05 24.45
C PRO A 261 6.11 -17.72 23.72
N SER A 262 5.00 -17.21 23.19
CA SER A 262 5.01 -15.93 22.51
C SER A 262 4.85 -14.80 23.53
N MET A 263 5.70 -13.78 23.43
CA MET A 263 5.57 -12.61 24.27
C MET A 263 4.54 -11.66 23.67
N ASP A 264 3.60 -11.19 24.49
CA ASP A 264 2.55 -10.28 24.04
C ASP A 264 3.20 -8.93 23.77
N THR A 265 3.42 -8.64 22.49
CA THR A 265 4.15 -7.42 22.13
C THR A 265 3.31 -6.17 22.37
N THR A 266 1.99 -6.24 22.19
CA THR A 266 1.16 -5.07 22.45
C THR A 266 1.19 -4.71 23.93
N GLU A 267 0.99 -5.70 24.79
CA GLU A 267 1.07 -5.44 26.23
C GLU A 267 2.45 -4.94 26.62
N ALA A 268 3.50 -5.46 25.97
CA ALA A 268 4.85 -4.98 26.24
C ALA A 268 5.01 -3.51 25.88
N MET A 269 4.54 -3.13 24.71
CA MET A 269 4.63 -1.73 24.29
C MET A 269 3.84 -0.83 25.24
N LEU A 270 2.59 -1.21 25.54
CA LEU A 270 1.77 -0.43 26.45
C LEU A 270 2.42 -0.36 27.84
N LYS A 271 2.79 -1.53 28.39
CA LYS A 271 3.39 -1.56 29.71
C LYS A 271 4.62 -0.68 29.79
N GLN A 272 5.34 -0.52 28.68
CA GLN A 272 6.57 0.28 28.67
C GLN A 272 6.34 1.71 28.22
N GLY A 273 5.09 2.14 28.12
CA GLY A 273 4.81 3.54 27.83
C GLY A 273 4.99 3.96 26.40
N TRP A 274 4.94 3.04 25.46
CA TRP A 274 5.03 3.43 24.06
C TRP A 274 3.81 4.25 23.68
N THR A 275 4.02 5.25 22.84
CA THR A 275 3.00 6.13 22.32
C THR A 275 3.14 6.16 20.81
N PRO A 276 2.16 6.71 20.10
CA PRO A 276 2.37 6.95 18.66
C PRO A 276 3.64 7.74 18.36
N ARG A 277 3.90 8.80 19.12
CA ARG A 277 5.12 9.58 18.88
C ARG A 277 6.36 8.70 19.01
N ARG A 278 6.44 7.89 20.06
CA ARG A 278 7.58 7.02 20.23
C ARG A 278 7.79 6.14 19.02
N MET A 279 6.69 5.66 18.42
CA MET A 279 6.80 4.74 17.30
C MET A 279 7.46 5.42 16.11
N PHE A 280 7.04 6.63 15.79
CA PHE A 280 7.65 7.36 14.69
C PHE A 280 9.08 7.79 15.04
N LYS A 281 9.36 8.06 16.32
CA LYS A 281 10.72 8.38 16.71
C LYS A 281 11.66 7.19 16.49
N GLU A 282 11.20 5.98 16.80
CA GLU A 282 12.04 4.80 16.56
C GLU A 282 12.30 4.63 15.07
N ALA A 283 11.27 4.86 14.24
CA ALA A 283 11.46 4.77 12.80
C ALA A 283 12.44 5.84 12.32
N ASP A 284 12.31 7.07 12.83
CA ASP A 284 13.24 8.12 12.49
C ASP A 284 14.67 7.72 12.87
N ASP A 285 14.83 7.07 14.02
CA ASP A 285 16.16 6.64 14.45
C ASP A 285 16.73 5.57 13.52
N PHE A 286 15.88 4.66 13.02
CA PHE A 286 16.38 3.64 12.11
C PHE A 286 16.91 4.29 10.84
N PHE A 287 16.17 5.28 10.30
CA PHE A 287 16.61 5.94 9.08
C PHE A 287 17.94 6.66 9.28
N THR A 288 18.07 7.43 10.37
CA THR A 288 19.33 8.14 10.58
C THR A 288 20.46 7.19 10.91
N SER A 289 20.16 6.01 11.48
CA SER A 289 21.22 5.05 11.73
C SER A 289 21.88 4.60 10.43
N LEU A 290 21.14 4.62 9.32
CA LEU A 290 21.70 4.28 8.02
C LEU A 290 22.38 5.46 7.34
N GLY A 291 22.49 6.59 8.03
CA GLY A 291 22.99 7.81 7.41
C GLY A 291 21.97 8.54 6.55
N LEU A 292 20.70 8.12 6.61
CA LEU A 292 19.66 8.79 5.84
C LEU A 292 19.13 9.99 6.63
N LEU A 293 18.15 10.68 6.07
CA LEU A 293 17.82 12.01 6.59
C LEU A 293 16.82 11.92 7.73
N PRO A 294 16.99 12.74 8.77
CA PRO A 294 15.95 12.87 9.78
C PRO A 294 14.79 13.71 9.27
N VAL A 295 13.60 13.46 9.81
CA VAL A 295 12.45 14.29 9.45
C VAL A 295 12.69 15.68 10.05
N PRO A 296 12.21 16.74 9.43
CA PRO A 296 12.44 18.09 9.96
C PRO A 296 11.61 18.33 11.21
N PRO A 297 12.02 19.29 12.05
CA PRO A 297 11.17 19.67 13.19
C PRO A 297 9.72 19.94 12.80
N GLU A 298 9.50 20.59 11.66
CA GLU A 298 8.15 20.89 11.22
C GLU A 298 7.28 19.63 11.19
N PHE A 299 7.85 18.50 10.78
CA PHE A 299 7.11 17.24 10.72
C PHE A 299 6.43 16.93 12.05
N TRP A 300 7.16 17.10 13.16
CA TRP A 300 6.61 16.75 14.47
C TRP A 300 5.53 17.73 14.91
N GLN A 301 5.58 18.97 14.43
CA GLN A 301 4.58 19.95 14.80
C GLN A 301 3.29 19.79 14.00
N LYS A 302 3.40 19.38 12.74
CA LYS A 302 2.28 19.43 11.80
C LYS A 302 1.61 18.10 11.54
N SER A 303 2.30 16.99 11.77
CA SER A 303 1.70 15.70 11.45
C SER A 303 0.53 15.38 12.38
N MET A 304 -0.34 14.50 11.90
CA MET A 304 -1.44 13.93 12.68
C MET A 304 -1.07 12.47 12.90
N LEU A 305 -0.45 12.16 14.04
CA LEU A 305 0.07 10.83 14.30
C LEU A 305 -0.91 9.96 15.10
N GLU A 306 -2.02 10.51 15.54
CA GLU A 306 -3.04 9.73 16.22
C GLU A 306 -4.40 10.33 15.92
N LYS A 307 -5.43 9.53 16.13
CA LYS A 307 -6.80 9.95 15.84
C LYS A 307 -7.19 11.09 16.78
N PRO A 308 -7.70 12.20 16.27
CA PRO A 308 -8.13 13.29 17.15
C PRO A 308 -9.21 12.83 18.12
N THR A 309 -9.23 13.50 19.27
CA THR A 309 -10.22 13.22 20.31
C THR A 309 -11.12 14.43 20.57
N ASP A 310 -11.18 15.37 19.64
CA ASP A 310 -11.87 16.65 19.83
C ASP A 310 -13.11 16.78 18.96
N GLY A 311 -13.72 15.66 18.59
CA GLY A 311 -14.90 15.68 17.75
C GLY A 311 -14.65 15.74 16.26
N ARG A 312 -13.40 15.97 15.83
CA ARG A 312 -13.12 16.02 14.41
C ARG A 312 -13.37 14.65 13.76
N GLU A 313 -13.96 14.68 12.57
CA GLU A 313 -13.99 13.51 11.69
C GLU A 313 -12.82 13.63 10.71
N VAL A 314 -12.12 12.53 10.51
CA VAL A 314 -10.90 12.53 9.72
C VAL A 314 -10.85 11.31 8.82
N VAL A 315 -9.96 11.36 7.84
CA VAL A 315 -9.57 10.20 7.03
C VAL A 315 -8.46 9.49 7.80
N CYS A 316 -8.77 8.36 8.40
CA CYS A 316 -7.78 7.67 9.23
C CYS A 316 -6.76 6.89 8.41
N HIS A 317 -7.11 6.44 7.20
CA HIS A 317 -6.22 5.56 6.45
C HIS A 317 -4.85 6.20 6.29
N ALA A 318 -3.82 5.48 6.70
CA ALA A 318 -2.48 6.03 6.78
C ALA A 318 -1.97 6.55 5.44
N SER A 319 -1.36 7.74 5.48
CA SER A 319 -0.77 8.30 4.27
C SER A 319 0.30 9.31 4.64
N ALA A 320 1.20 9.56 3.67
CA ALA A 320 2.34 10.45 3.84
C ALA A 320 2.29 11.55 2.80
N TRP A 321 2.50 12.79 3.23
CA TRP A 321 2.17 13.98 2.47
C TRP A 321 3.39 14.82 2.15
N ASP A 322 3.57 15.13 0.87
CA ASP A 322 4.57 16.05 0.37
C ASP A 322 3.85 17.34 -0.02
N PHE A 323 4.24 18.47 0.58
CA PHE A 323 3.60 19.74 0.30
C PHE A 323 4.38 20.56 -0.71
N TYR A 324 5.36 19.95 -1.37
CA TYR A 324 6.01 20.50 -2.57
C TYR A 324 6.63 21.86 -2.32
N ASN A 325 7.22 22.05 -1.14
CA ASN A 325 8.05 23.21 -0.88
C ASN A 325 9.42 22.81 -0.33
N GLY A 326 9.73 21.52 -0.32
CA GLY A 326 11.03 21.03 0.13
C GLY A 326 11.28 21.11 1.62
N LYS A 327 10.29 21.48 2.41
CA LYS A 327 10.48 21.66 3.85
C LYS A 327 9.36 21.02 4.66
N ASP A 328 8.15 20.95 4.09
CA ASP A 328 6.95 20.55 4.82
C ASP A 328 6.52 19.15 4.36
N PHE A 329 6.74 18.16 5.23
CA PHE A 329 6.33 16.78 4.99
C PHE A 329 5.59 16.29 6.22
N ARG A 330 4.53 15.50 6.03
CA ARG A 330 3.71 15.10 7.16
C ARG A 330 3.15 13.69 6.98
N ILE A 331 2.87 13.04 8.10
CA ILE A 331 2.14 11.77 8.11
C ILE A 331 0.78 11.99 8.76
N LYS A 332 -0.25 11.37 8.19
CA LYS A 332 -1.60 11.37 8.74
C LYS A 332 -2.00 9.91 8.97
N GLN A 333 -1.93 9.47 10.23
CA GLN A 333 -2.20 8.07 10.58
C GLN A 333 -2.86 8.01 11.94
N CYS A 334 -3.96 7.26 12.02
CA CYS A 334 -4.65 7.00 13.28
C CYS A 334 -3.95 5.84 13.98
N THR A 335 -2.76 6.14 14.48
CA THR A 335 -1.86 5.10 14.96
C THR A 335 -2.39 4.47 16.25
N THR A 336 -2.27 3.14 16.32
CA THR A 336 -2.53 2.36 17.52
C THR A 336 -1.21 1.78 18.03
N VAL A 337 -1.10 1.64 19.34
CA VAL A 337 0.14 1.17 19.95
C VAL A 337 0.19 -0.35 19.88
N ASN A 338 0.81 -0.87 18.81
CA ASN A 338 0.99 -2.30 18.62
C ASN A 338 2.02 -2.48 17.50
N LEU A 339 2.47 -3.72 17.33
CA LEU A 339 3.54 -4.00 16.37
C LEU A 339 3.07 -3.80 14.93
N GLU A 340 1.84 -4.17 14.63
CA GLU A 340 1.32 -3.97 13.28
C GLU A 340 1.45 -2.51 12.84
N ASP A 341 1.08 -1.57 13.72
CA ASP A 341 1.15 -0.17 13.36
C ASP A 341 2.56 0.41 13.45
N LEU A 342 3.45 -0.21 14.24
CA LEU A 342 4.86 0.15 14.14
C LEU A 342 5.38 -0.11 12.73
N VAL A 343 4.96 -1.22 12.14
CA VAL A 343 5.38 -1.54 10.77
C VAL A 343 4.77 -0.55 9.80
N VAL A 344 3.49 -0.22 9.98
CA VAL A 344 2.88 0.83 9.15
C VAL A 344 3.63 2.14 9.31
N ALA A 345 4.00 2.49 10.55
CA ALA A 345 4.72 3.75 10.76
C ALA A 345 6.01 3.78 9.94
N HIS A 346 6.75 2.66 9.92
CA HIS A 346 7.96 2.59 9.12
C HIS A 346 7.63 2.72 7.64
N HIS A 347 6.56 2.05 7.20
CA HIS A 347 6.11 2.20 5.83
C HIS A 347 5.92 3.67 5.46
N GLU A 348 5.22 4.42 6.32
CA GLU A 348 4.95 5.82 6.05
C GLU A 348 6.21 6.66 6.11
N MET A 349 7.11 6.37 7.06
CA MET A 349 8.34 7.14 7.15
C MET A 349 9.24 6.90 5.95
N GLY A 350 9.04 5.79 5.23
CA GLY A 350 9.79 5.57 4.01
C GLY A 350 9.32 6.48 2.90
N HIS A 351 7.99 6.70 2.81
CA HIS A 351 7.47 7.73 1.93
C HIS A 351 8.12 9.07 2.22
N ILE A 352 8.13 9.45 3.49
CA ILE A 352 8.71 10.73 3.88
C ILE A 352 10.17 10.79 3.46
N GLN A 353 10.92 9.72 3.73
CA GLN A 353 12.32 9.69 3.35
C GLN A 353 12.49 9.93 1.86
N TYR A 354 11.63 9.31 1.04
CA TYR A 354 11.72 9.50 -0.40
C TYR A 354 11.47 10.96 -0.76
N PHE A 355 10.44 11.58 -0.16
CA PHE A 355 10.16 12.98 -0.44
C PHE A 355 11.40 13.85 -0.18
N MET A 356 12.04 13.64 0.97
CA MET A 356 13.18 14.46 1.34
C MET A 356 14.36 14.22 0.42
N GLN A 357 14.54 12.97 -0.05
CA GLN A 357 15.70 12.65 -0.88
C GLN A 357 15.60 13.32 -2.25
N TYR A 358 14.39 13.42 -2.82
CA TYR A 358 14.26 13.98 -4.17
C TYR A 358 13.68 15.39 -4.17
N LYS A 359 13.72 16.08 -3.03
CA LYS A 359 13.07 17.37 -2.91
C LYS A 359 13.67 18.43 -3.83
N ASP A 360 14.92 18.28 -4.24
CA ASP A 360 15.58 19.26 -5.09
C ASP A 360 15.42 18.99 -6.59
N LEU A 361 14.69 17.95 -6.97
CA LEU A 361 14.41 17.71 -8.37
C LEU A 361 13.24 18.60 -8.81
N PRO A 362 13.10 18.84 -10.11
CA PRO A 362 11.87 19.48 -10.61
C PRO A 362 10.66 18.67 -10.18
N VAL A 363 9.59 19.38 -9.83
CA VAL A 363 8.42 18.71 -9.23
C VAL A 363 7.90 17.61 -10.15
N ALA A 364 7.99 17.78 -11.46
CA ALA A 364 7.50 16.75 -12.37
C ALA A 364 8.25 15.43 -12.18
N LEU A 365 9.45 15.46 -11.61
CA LEU A 365 10.24 14.26 -11.39
C LEU A 365 10.29 13.87 -9.92
N ARG A 366 9.49 14.50 -9.07
CA ARG A 366 9.42 14.14 -7.65
C ARG A 366 8.42 13.00 -7.45
N GLU A 367 8.81 11.84 -7.95
CA GLU A 367 8.07 10.59 -7.76
C GLU A 367 9.11 9.48 -7.59
N GLY A 368 8.64 8.31 -7.17
CA GLY A 368 9.51 7.15 -7.12
C GLY A 368 9.92 6.68 -8.51
N ALA A 369 11.02 5.93 -8.55
CA ALA A 369 11.46 5.34 -9.82
C ALA A 369 10.29 4.67 -10.53
N ASN A 370 9.51 3.91 -9.79
CA ASN A 370 8.14 3.59 -10.17
C ASN A 370 7.36 3.57 -8.86
N PRO A 371 6.02 3.54 -8.91
CA PRO A 371 5.25 3.60 -7.66
C PRO A 371 5.61 2.51 -6.65
N GLY A 372 6.03 1.34 -7.12
CA GLY A 372 6.40 0.28 -6.20
C GLY A 372 7.64 0.60 -5.38
N PHE A 373 8.58 1.35 -5.96
CA PHE A 373 9.75 1.80 -5.21
C PHE A 373 9.35 2.67 -4.03
N HIS A 374 8.39 3.56 -4.24
CA HIS A 374 7.93 4.47 -3.17
C HIS A 374 7.28 3.68 -2.05
N GLU A 375 6.57 2.60 -2.39
CA GLU A 375 5.94 1.76 -1.38
C GLU A 375 6.92 0.87 -0.64
N ALA A 376 8.09 0.61 -1.20
CA ALA A 376 8.97 -0.43 -0.65
C ALA A 376 9.95 0.07 0.40
N ILE A 377 10.32 1.35 0.37
CA ILE A 377 11.46 1.81 1.17
C ILE A 377 11.23 1.52 2.65
N GLY A 378 10.08 1.97 3.18
CA GLY A 378 9.82 1.77 4.60
C GLY A 378 9.73 0.31 4.96
N ASP A 379 9.14 -0.50 4.07
CA ASP A 379 9.00 -1.93 4.35
C ASP A 379 10.36 -2.60 4.49
N VAL A 380 11.34 -2.16 3.71
CA VAL A 380 12.68 -2.74 3.82
C VAL A 380 13.19 -2.62 5.25
N LEU A 381 13.17 -1.40 5.80
CA LEU A 381 13.64 -1.23 7.17
C LEU A 381 12.80 -2.04 8.14
N ALA A 382 11.50 -2.11 7.92
CA ALA A 382 10.62 -2.85 8.83
C ALA A 382 10.96 -4.33 8.87
N LEU A 383 11.52 -4.88 7.79
CA LEU A 383 11.98 -6.27 7.83
C LEU A 383 13.02 -6.45 8.91
N SER A 384 13.97 -5.53 9.00
CA SER A 384 14.99 -5.61 10.04
C SER A 384 14.41 -5.34 11.41
N VAL A 385 13.45 -4.40 11.49
CA VAL A 385 12.84 -4.07 12.77
C VAL A 385 12.14 -5.29 13.36
N SER A 386 11.51 -6.09 12.50
CA SER A 386 10.71 -7.22 12.95
C SER A 386 11.52 -8.42 13.40
N THR A 387 12.83 -8.42 13.18
CA THR A 387 13.62 -9.57 13.60
C THR A 387 13.58 -9.69 15.11
N PRO A 388 13.52 -10.92 15.65
CA PRO A 388 13.56 -11.07 17.11
C PRO A 388 14.72 -10.32 17.75
N LYS A 389 15.87 -10.27 17.08
CA LYS A 389 17.03 -9.56 17.60
C LYS A 389 16.70 -8.08 17.81
N HIS A 390 16.12 -7.43 16.80
CA HIS A 390 15.84 -6.00 16.95
C HIS A 390 14.72 -5.78 17.97
N LEU A 391 13.68 -6.60 17.94
CA LEU A 391 12.59 -6.45 18.89
C LEU A 391 13.06 -6.68 20.32
N HIS A 392 14.02 -7.58 20.52
CA HIS A 392 14.58 -7.75 21.84
C HIS A 392 15.30 -6.48 22.30
N SER A 393 16.00 -5.81 21.37
CA SER A 393 16.71 -4.59 21.73
C SER A 393 15.74 -3.46 22.10
N LEU A 394 14.50 -3.51 21.61
CA LEU A 394 13.47 -2.57 22.01
C LEU A 394 12.73 -3.01 23.26
N ASN A 395 13.16 -4.11 23.87
CA ASN A 395 12.53 -4.66 25.09
C ASN A 395 11.10 -5.11 24.82
N LEU A 396 10.80 -5.53 23.60
CA LEU A 396 9.49 -6.03 23.23
C LEU A 396 9.46 -7.56 23.13
N LEU A 397 10.61 -8.21 23.21
CA LEU A 397 10.67 -9.68 23.23
C LEU A 397 11.66 -10.12 24.31
N SER A 398 11.49 -11.36 24.73
CA SER A 398 12.46 -12.02 25.60
C SER A 398 13.53 -12.69 24.75
N SER A 399 14.77 -12.57 25.18
CA SER A 399 15.92 -13.02 24.39
C SER A 399 15.76 -14.44 23.84
N SER A 403 16.95 -20.99 18.44
CA SER A 403 16.53 -22.37 18.16
C SER A 403 15.84 -22.46 16.80
N ASP A 404 15.80 -23.66 16.22
CA ASP A 404 15.07 -23.83 14.98
C ASP A 404 13.57 -23.61 15.20
N GLU A 405 13.06 -23.97 16.38
CA GLU A 405 11.65 -23.73 16.69
C GLU A 405 11.32 -22.25 16.62
N HIS A 406 12.05 -21.43 17.38
CA HIS A 406 11.85 -19.98 17.33
C HIS A 406 12.07 -19.45 15.92
N ASP A 407 12.96 -20.09 15.15
CA ASP A 407 13.28 -19.64 13.81
C ASP A 407 12.10 -19.84 12.87
N ILE A 408 11.58 -21.07 12.80
CA ILE A 408 10.40 -21.35 11.98
C ILE A 408 9.21 -20.55 12.47
N ASN A 409 9.11 -20.32 13.79
CA ASN A 409 8.02 -19.49 14.30
C ASN A 409 8.09 -18.09 13.72
N PHE A 410 9.30 -17.51 13.66
CA PHE A 410 9.44 -16.15 13.16
C PHE A 410 9.12 -16.08 11.67
N LEU A 411 9.61 -17.02 10.87
CA LEU A 411 9.29 -17.04 9.44
C LEU A 411 7.79 -17.17 9.20
N MET A 412 7.10 -17.97 10.02
CA MET A 412 5.66 -18.07 9.89
C MET A 412 5.00 -16.72 10.12
N LYS A 413 5.37 -16.04 11.20
CA LYS A 413 4.86 -14.70 11.47
C LYS A 413 5.08 -13.80 10.27
N MET A 414 6.30 -13.80 9.72
CA MET A 414 6.58 -12.96 8.56
C MET A 414 5.74 -13.38 7.36
N ALA A 415 5.61 -14.69 7.13
CA ALA A 415 4.92 -15.18 5.95
C ALA A 415 3.43 -14.85 6.00
N LEU A 416 2.84 -14.89 7.19
CA LEU A 416 1.42 -14.57 7.30
C LEU A 416 1.12 -13.18 6.77
N ASP A 417 2.10 -12.28 6.77
CA ASP A 417 1.95 -10.96 6.21
C ASP A 417 2.52 -10.84 4.79
N LYS A 418 3.74 -11.30 4.57
CA LYS A 418 4.42 -11.03 3.31
C LYS A 418 3.93 -11.96 2.21
N ILE A 419 3.68 -13.23 2.51
CA ILE A 419 3.26 -14.18 1.48
C ILE A 419 1.77 -14.06 1.19
N ALA A 420 0.95 -13.93 2.25
CA ALA A 420 -0.49 -13.83 2.07
C ALA A 420 -0.86 -12.60 1.26
N PHE A 421 -0.09 -11.52 1.39
CA PHE A 421 -0.39 -10.30 0.66
C PHE A 421 -0.17 -10.42 -0.84
N ILE A 422 0.61 -11.36 -1.29
CA ILE A 422 0.96 -11.47 -2.71
C ILE A 422 -0.30 -11.62 -3.57
N PRO A 423 -1.16 -12.62 -3.33
CA PRO A 423 -2.35 -12.75 -4.19
C PRO A 423 -3.33 -11.59 -4.06
N PHE A 424 -3.52 -11.05 -2.86
CA PHE A 424 -4.45 -9.94 -2.69
C PHE A 424 -3.98 -8.73 -3.48
N SER A 425 -2.70 -8.36 -3.32
CA SER A 425 -2.21 -7.16 -3.99
C SER A 425 -2.17 -7.35 -5.49
N TYR A 426 -2.06 -8.59 -5.96
CA TYR A 426 -2.09 -8.85 -7.39
C TYR A 426 -3.49 -8.62 -7.95
N LEU A 427 -4.52 -9.06 -7.24
CA LEU A 427 -5.84 -9.15 -7.87
C LEU A 427 -6.58 -7.83 -7.91
N VAL A 428 -6.28 -6.90 -6.99
CA VAL A 428 -7.08 -5.68 -6.91
C VAL A 428 -7.12 -4.98 -8.25
N ASP A 429 -5.97 -4.73 -8.86
CA ASP A 429 -5.95 -4.07 -10.15
C ASP A 429 -6.15 -5.02 -11.33
N GLN A 430 -6.02 -6.34 -11.13
CA GLN A 430 -6.55 -7.24 -12.16
C GLN A 430 -8.05 -6.96 -12.33
N TRP A 431 -8.75 -6.75 -11.22
CA TRP A 431 -10.16 -6.40 -11.28
C TRP A 431 -10.35 -5.02 -11.90
N ARG A 432 -9.64 -4.01 -11.39
CA ARG A 432 -9.89 -2.65 -11.86
C ARG A 432 -9.50 -2.48 -13.33
N TRP A 433 -8.40 -3.12 -13.76
CA TRP A 433 -8.01 -2.98 -15.16
C TRP A 433 -9.12 -3.46 -16.09
N ARG A 434 -9.85 -4.51 -15.67
CA ARG A 434 -10.93 -5.05 -16.49
C ARG A 434 -12.23 -4.25 -16.35
N VAL A 435 -12.42 -3.56 -15.22
CA VAL A 435 -13.47 -2.56 -15.15
C VAL A 435 -13.16 -1.43 -16.13
N PHE A 436 -11.93 -0.90 -16.06
CA PHE A 436 -11.59 0.24 -16.88
C PHE A 436 -11.65 -0.09 -18.37
N ASP A 437 -11.24 -1.32 -18.77
CA ASP A 437 -11.25 -1.65 -20.20
C ASP A 437 -12.60 -2.17 -20.69
N GLY A 438 -13.60 -2.21 -19.85
CA GLY A 438 -14.95 -2.57 -20.26
C GLY A 438 -15.29 -4.04 -20.16
N SER A 439 -14.36 -4.87 -19.73
CA SER A 439 -14.60 -6.32 -19.63
C SER A 439 -15.56 -6.65 -18.49
N ILE A 440 -15.56 -5.85 -17.43
CA ILE A 440 -16.46 -6.02 -16.29
C ILE A 440 -17.39 -4.80 -16.27
N THR A 441 -18.70 -5.06 -16.34
CA THR A 441 -19.68 -3.99 -16.28
C THR A 441 -20.21 -3.89 -14.85
N LYS A 442 -21.11 -2.91 -14.63
CA LYS A 442 -21.75 -2.81 -13.33
C LYS A 442 -22.65 -4.00 -13.06
N GLU A 443 -23.06 -4.72 -14.11
CA GLU A 443 -23.85 -5.93 -13.91
C GLU A 443 -23.08 -6.97 -13.09
N ASN A 444 -21.75 -7.00 -13.22
CA ASN A 444 -21.01 -8.09 -12.58
C ASN A 444 -19.74 -7.60 -11.87
N TYR A 445 -19.73 -6.34 -11.42
CA TYR A 445 -18.67 -5.84 -10.56
C TYR A 445 -18.29 -6.86 -9.48
N ASN A 446 -19.29 -7.24 -8.69
CA ASN A 446 -19.04 -7.97 -7.47
C ASN A 446 -18.81 -9.44 -7.74
N GLN A 447 -19.54 -10.00 -8.72
CA GLN A 447 -19.32 -11.39 -9.07
C GLN A 447 -17.89 -11.61 -9.57
N GLU A 448 -17.37 -10.67 -10.35
CA GLU A 448 -16.01 -10.82 -10.86
C GLU A 448 -14.97 -10.54 -9.80
N TRP A 449 -15.28 -9.67 -8.84
CA TRP A 449 -14.38 -9.49 -7.69
C TRP A 449 -14.20 -10.80 -6.95
N TRP A 450 -15.30 -11.51 -6.68
CA TRP A 450 -15.18 -12.75 -5.93
C TRP A 450 -14.62 -13.90 -6.75
N SER A 451 -14.75 -13.86 -8.09
CA SER A 451 -14.06 -14.84 -8.91
C SER A 451 -12.55 -14.70 -8.77
N LEU A 452 -12.05 -13.48 -8.63
CA LEU A 452 -10.63 -13.27 -8.46
C LEU A 452 -10.20 -13.55 -7.03
N ARG A 453 -11.03 -13.20 -6.06
CA ARG A 453 -10.76 -13.55 -4.67
C ARG A 453 -10.61 -15.06 -4.53
N LEU A 454 -11.47 -15.82 -5.19
CA LEU A 454 -11.33 -17.27 -5.19
C LEU A 454 -10.10 -17.71 -5.95
N LYS A 455 -9.96 -17.25 -7.20
CA LYS A 455 -8.90 -17.74 -8.07
C LYS A 455 -7.51 -17.47 -7.51
N TYR A 456 -7.26 -16.28 -6.97
CA TYR A 456 -5.91 -15.93 -6.53
C TYR A 456 -5.67 -16.20 -5.04
N GLN A 457 -6.61 -15.80 -4.18
CA GLN A 457 -6.44 -15.98 -2.74
C GLN A 457 -7.04 -17.27 -2.19
N GLY A 458 -7.91 -17.93 -2.94
CA GLY A 458 -8.56 -19.11 -2.44
C GLY A 458 -9.42 -18.78 -1.22
N LEU A 459 -10.19 -17.71 -1.34
CA LEU A 459 -11.11 -17.29 -0.28
C LEU A 459 -12.54 -17.32 -0.79
N PRO A 461 -16.71 -15.82 0.39
CA PRO A 461 -17.46 -14.98 1.33
C PRO A 461 -18.25 -15.82 2.33
N PRO A 462 -18.22 -15.45 3.62
CA PRO A 462 -19.00 -16.21 4.61
C PRO A 462 -20.50 -16.06 4.45
N VAL A 463 -20.97 -14.99 3.85
CA VAL A 463 -22.39 -14.77 3.57
C VAL A 463 -22.53 -14.57 2.07
N PRO A 464 -23.41 -15.30 1.39
CA PRO A 464 -23.56 -15.12 -0.05
C PRO A 464 -23.84 -13.67 -0.41
N ARG A 465 -23.15 -13.19 -1.43
CA ARG A 465 -23.36 -11.80 -1.87
C ARG A 465 -24.68 -11.70 -2.64
N THR A 466 -25.28 -10.51 -2.60
CA THR A 466 -26.56 -10.26 -3.24
C THR A 466 -26.47 -8.99 -4.08
N GLN A 467 -27.53 -8.75 -4.84
CA GLN A 467 -27.61 -7.53 -5.64
C GLN A 467 -27.49 -6.32 -4.74
N GLY A 468 -26.72 -5.34 -5.19
CA GLY A 468 -26.43 -4.15 -4.42
C GLY A 468 -25.10 -4.20 -3.71
N ASP A 469 -24.55 -5.39 -3.47
CA ASP A 469 -23.24 -5.46 -2.82
C ASP A 469 -22.18 -4.92 -3.77
N PHE A 470 -21.19 -4.26 -3.20
CA PHE A 470 -20.06 -3.73 -3.94
C PHE A 470 -18.87 -3.81 -2.99
N ASP A 471 -18.41 -5.05 -2.77
CA ASP A 471 -17.35 -5.28 -1.80
C ASP A 471 -16.04 -4.58 -2.13
N PRO A 472 -15.67 -4.38 -3.40
CA PRO A 472 -14.49 -3.54 -3.66
C PRO A 472 -14.58 -2.17 -3.02
N GLY A 473 -15.78 -1.61 -2.90
CA GLY A 473 -15.95 -0.32 -2.28
C GLY A 473 -15.59 -0.28 -0.81
N ALA A 474 -15.47 -1.45 -0.17
CA ALA A 474 -15.10 -1.52 1.23
C ALA A 474 -13.59 -1.51 1.45
N LYS A 475 -12.81 -1.36 0.39
CA LYS A 475 -11.35 -1.29 0.45
C LYS A 475 -10.94 0.11 0.03
N PHE A 476 -10.24 0.81 0.92
CA PHE A 476 -9.93 2.24 0.77
C PHE A 476 -9.53 2.66 -0.64
N HIS A 477 -8.58 1.95 -1.26
CA HIS A 477 -8.02 2.41 -2.52
C HIS A 477 -9.02 2.45 -3.65
N ILE A 478 -10.16 1.76 -3.51
CA ILE A 478 -11.16 1.75 -4.58
C ILE A 478 -11.89 3.08 -4.60
N PRO A 479 -12.59 3.47 -3.53
CA PRO A 479 -13.24 4.80 -3.56
C PRO A 479 -12.25 5.96 -3.61
N SER A 480 -11.04 5.79 -3.10
CA SER A 480 -10.06 6.87 -3.17
C SER A 480 -9.28 6.90 -4.46
N SER A 481 -9.52 5.95 -5.36
CA SER A 481 -8.90 5.93 -6.68
C SER A 481 -7.38 5.97 -6.58
N VAL A 482 -6.82 5.04 -5.82
CA VAL A 482 -5.39 4.88 -5.66
C VAL A 482 -4.98 3.54 -6.27
N PRO A 483 -4.09 3.53 -7.27
CA PRO A 483 -3.70 2.24 -7.86
C PRO A 483 -3.11 1.31 -6.82
N TYR A 484 -3.22 0.00 -7.07
CA TYR A 484 -2.80 -1.01 -6.11
C TYR A 484 -1.65 -1.90 -6.56
N ILE A 485 -1.34 -1.97 -7.86
CA ILE A 485 -0.31 -2.93 -8.28
C ILE A 485 1.04 -2.54 -7.67
N ARG A 486 1.23 -1.26 -7.36
CA ARG A 486 2.41 -0.80 -6.64
C ARG A 486 2.72 -1.64 -5.40
N TYR A 487 1.70 -2.13 -4.70
CA TYR A 487 1.98 -2.88 -3.48
C TYR A 487 2.45 -4.30 -3.78
N PHE A 488 1.95 -4.89 -4.85
CA PHE A 488 2.50 -6.15 -5.33
C PHE A 488 3.97 -6.01 -5.71
N VAL A 489 4.28 -5.01 -6.54
CA VAL A 489 5.65 -4.73 -6.91
C VAL A 489 6.51 -4.52 -5.67
N SER A 490 5.97 -3.77 -4.70
CA SER A 490 6.74 -3.46 -3.49
C SER A 490 7.13 -4.72 -2.73
N PHE A 491 6.20 -5.66 -2.58
CA PHE A 491 6.51 -6.85 -1.79
C PHE A 491 7.55 -7.72 -2.47
N ILE A 492 7.57 -7.75 -3.80
CA ILE A 492 8.64 -8.45 -4.50
C ILE A 492 9.98 -7.74 -4.30
N ILE A 493 10.03 -6.45 -4.68
CA ILE A 493 11.33 -5.78 -4.76
C ILE A 493 11.89 -5.48 -3.36
N GLN A 494 11.03 -5.34 -2.35
CA GLN A 494 11.55 -5.04 -1.02
C GLN A 494 12.44 -6.16 -0.49
N PHE A 495 12.18 -7.40 -0.93
CA PHE A 495 13.09 -8.49 -0.58
C PHE A 495 14.37 -8.44 -1.40
N GLN A 496 14.29 -8.02 -2.67
CA GLN A 496 15.52 -7.80 -3.44
C GLN A 496 16.38 -6.72 -2.78
N PHE A 497 15.75 -5.63 -2.32
CA PHE A 497 16.52 -4.59 -1.65
C PHE A 497 17.10 -5.09 -0.33
N HIS A 498 16.30 -5.81 0.44
CA HIS A 498 16.80 -6.38 1.69
C HIS A 498 18.03 -7.25 1.46
N GLU A 499 17.94 -8.17 0.50
CA GLU A 499 19.07 -9.04 0.21
C GLU A 499 20.31 -8.22 -0.16
N ALA A 500 20.14 -7.20 -1.00
CA ALA A 500 21.28 -6.41 -1.45
C ALA A 500 21.89 -5.61 -0.31
N LEU A 501 21.06 -4.93 0.48
CA LEU A 501 21.58 -4.12 1.57
C LEU A 501 22.26 -5.00 2.62
N CYS A 502 21.73 -6.20 2.85
CA CYS A 502 22.35 -7.11 3.79
C CYS A 502 23.72 -7.56 3.32
N GLN A 503 23.87 -7.81 2.01
CA GLN A 503 25.18 -8.11 1.47
C GLN A 503 26.12 -6.91 1.58
N ALA A 504 25.60 -5.71 1.31
CA ALA A 504 26.42 -4.51 1.48
C ALA A 504 26.85 -4.33 2.92
N ALA A 505 26.00 -4.69 3.87
CA ALA A 505 26.30 -4.54 5.29
C ALA A 505 27.21 -5.64 5.82
N GLY A 506 27.59 -6.61 4.99
CA GLY A 506 28.44 -7.68 5.43
C GLY A 506 27.76 -8.86 6.08
N HIS A 507 26.42 -8.94 6.00
CA HIS A 507 25.71 -10.05 6.62
C HIS A 507 26.01 -11.35 5.90
N THR A 508 26.33 -12.38 6.66
CA THR A 508 26.43 -13.73 6.15
C THR A 508 25.36 -14.59 6.81
N GLY A 509 25.00 -15.68 6.16
CA GLY A 509 24.05 -16.60 6.72
C GLY A 509 22.64 -16.32 6.25
N PRO A 510 21.68 -16.99 6.87
CA PRO A 510 20.29 -16.93 6.38
C PRO A 510 19.82 -15.49 6.25
N LEU A 511 19.18 -15.18 5.12
CA LEU A 511 18.75 -13.83 4.85
C LEU A 511 17.79 -13.33 5.94
N HIS A 512 16.95 -14.22 6.47
CA HIS A 512 15.93 -13.77 7.42
C HIS A 512 16.52 -13.37 8.77
N LYS A 513 17.80 -13.62 9.02
CA LYS A 513 18.45 -13.19 10.25
C LYS A 513 19.13 -11.84 10.10
N CYS A 514 19.07 -11.23 8.93
CA CYS A 514 19.76 -9.97 8.70
C CYS A 514 19.02 -8.81 9.36
N ASP A 515 19.80 -7.91 9.96
CA ASP A 515 19.30 -6.66 10.54
C ASP A 515 20.28 -5.57 10.13
N ILE A 516 19.84 -4.63 9.28
CA ILE A 516 20.76 -3.66 8.68
C ILE A 516 20.90 -2.42 9.56
N TYR A 517 20.40 -2.47 10.78
CA TYR A 517 20.44 -1.30 11.65
C TYR A 517 21.86 -0.74 11.75
N GLN A 518 21.98 0.56 11.52
CA GLN A 518 23.21 1.36 11.59
C GLN A 518 24.16 1.14 10.41
N SER A 519 23.75 0.41 9.37
CA SER A 519 24.65 0.18 8.24
C SER A 519 24.67 1.40 7.33
N LYS A 520 25.80 2.10 7.30
CA LYS A 520 25.94 3.25 6.41
C LYS A 520 26.08 2.81 4.96
N GLU A 521 26.70 1.66 4.73
CA GLU A 521 26.79 1.13 3.36
C GLU A 521 25.40 0.87 2.78
N ALA A 522 24.49 0.34 3.60
CA ALA A 522 23.13 0.10 3.14
C ALA A 522 22.39 1.41 2.88
N GLY A 523 22.50 2.36 3.80
CA GLY A 523 21.85 3.64 3.60
C GLY A 523 22.29 4.32 2.31
N GLN A 524 23.58 4.20 1.99
CA GLN A 524 24.09 4.89 0.80
C GLN A 524 23.51 4.29 -0.48
N ARG A 525 23.39 2.97 -0.54
CA ARG A 525 22.71 2.35 -1.67
C ARG A 525 21.31 2.95 -1.86
N LEU A 526 20.54 3.01 -0.78
CA LEU A 526 19.18 3.51 -0.88
C LEU A 526 19.16 4.99 -1.25
N ALA A 527 20.06 5.79 -0.67
CA ALA A 527 20.05 7.21 -0.94
C ALA A 527 20.32 7.51 -2.40
N THR A 528 21.31 6.84 -3.01
CA THR A 528 21.64 7.14 -4.40
C THR A 528 20.47 6.80 -5.32
N ALA A 529 19.72 5.75 -5.00
CA ALA A 529 18.55 5.40 -5.80
C ALA A 529 17.42 6.41 -5.57
N MET A 530 17.15 6.76 -4.31
CA MET A 530 16.04 7.65 -4.04
C MET A 530 16.25 9.05 -4.63
N LYS A 531 17.48 9.53 -4.66
CA LYS A 531 17.74 10.86 -5.20
C LYS A 531 17.44 10.97 -6.68
N LEU A 532 17.35 9.85 -7.40
CA LEU A 532 17.01 9.90 -8.82
C LEU A 532 15.55 10.28 -9.05
N GLY A 533 14.70 10.11 -8.03
CA GLY A 533 13.28 10.36 -8.22
C GLY A 533 12.76 9.60 -9.43
N PHE A 534 12.00 10.30 -10.26
CA PHE A 534 11.47 9.79 -11.52
C PHE A 534 12.32 10.23 -12.72
N SER A 535 13.58 10.56 -12.50
CA SER A 535 14.40 11.15 -13.55
C SER A 535 14.93 10.14 -14.56
N ARG A 536 14.96 8.87 -14.23
CA ARG A 536 15.49 7.82 -15.10
C ARG A 536 14.56 6.62 -15.11
N PRO A 537 14.62 5.79 -16.14
CA PRO A 537 13.85 4.54 -16.13
C PRO A 537 14.18 3.72 -14.90
N TRP A 538 13.16 3.09 -14.32
CA TRP A 538 13.33 2.48 -13.00
C TRP A 538 14.39 1.38 -12.96
N PRO A 539 14.69 0.65 -14.04
CA PRO A 539 15.77 -0.34 -13.95
C PRO A 539 17.09 0.24 -13.47
N GLU A 540 17.34 1.54 -13.68
CA GLU A 540 18.60 2.11 -13.21
C GLU A 540 18.64 2.21 -11.69
N ALA A 541 17.53 2.63 -11.06
CA ALA A 541 17.44 2.61 -9.62
C ALA A 541 17.56 1.18 -9.08
N MET A 542 16.93 0.22 -9.76
CA MET A 542 17.08 -1.18 -9.37
C MET A 542 18.54 -1.60 -9.44
N GLN A 543 19.25 -1.20 -10.50
CA GLN A 543 20.65 -1.60 -10.62
C GLN A 543 21.51 -0.93 -9.56
N LEU A 544 21.20 0.31 -9.22
CA LEU A 544 21.97 1.01 -8.19
C LEU A 544 21.87 0.29 -6.84
N ILE A 545 20.70 -0.27 -6.54
CA ILE A 545 20.52 -0.91 -5.24
C ILE A 545 21.04 -2.35 -5.25
N THR A 546 20.75 -3.10 -6.31
CA THR A 546 20.94 -4.54 -6.30
C THR A 546 22.04 -5.03 -7.23
N GLY A 547 22.62 -4.17 -8.07
CA GLY A 547 23.60 -4.60 -9.03
C GLY A 547 23.05 -5.25 -10.28
N GLN A 548 21.74 -5.29 -10.44
CA GLN A 548 21.13 -5.82 -11.65
C GLN A 548 19.81 -5.11 -11.86
N PRO A 549 19.21 -5.23 -13.05
CA PRO A 549 18.11 -4.31 -13.40
C PRO A 549 16.69 -4.85 -13.39
N GLN A 550 16.48 -6.13 -13.07
N GLN A 550 16.49 -6.13 -13.06
CA GLN A 550 15.18 -6.74 -13.20
CA GLN A 550 15.19 -6.75 -13.18
C GLN A 550 14.47 -6.91 -11.85
C GLN A 550 14.47 -6.87 -11.83
N MET A 551 13.14 -6.98 -11.91
CA MET A 551 12.36 -7.43 -10.77
C MET A 551 12.50 -8.94 -10.69
N SER A 552 12.60 -9.47 -9.48
CA SER A 552 12.82 -10.90 -9.33
C SER A 552 12.30 -11.38 -7.98
N ALA A 553 11.63 -12.53 -8.01
CA ALA A 553 11.13 -13.13 -6.78
C ALA A 553 12.18 -13.98 -6.05
N SER A 554 13.39 -14.10 -6.61
N SER A 554 13.39 -14.10 -6.61
CA SER A 554 14.36 -15.02 -6.02
CA SER A 554 14.36 -15.02 -6.02
C SER A 554 14.72 -14.62 -4.59
C SER A 554 14.72 -14.62 -4.59
N ALA A 555 14.79 -13.31 -4.32
CA ALA A 555 15.15 -12.88 -2.96
C ALA A 555 14.08 -13.28 -1.96
N MET A 556 12.80 -13.08 -2.32
CA MET A 556 11.72 -13.47 -1.42
C MET A 556 11.70 -14.97 -1.19
N LEU A 557 11.91 -15.76 -2.25
CA LEU A 557 11.92 -17.21 -2.09
C LEU A 557 13.11 -17.67 -1.24
N SER A 558 14.27 -17.04 -1.42
CA SER A 558 15.42 -17.36 -0.58
C SER A 558 15.16 -17.02 0.88
N TYR A 559 14.49 -15.88 1.12
CA TYR A 559 14.16 -15.50 2.49
C TYR A 559 13.32 -16.57 3.17
N PHE A 560 12.33 -17.11 2.47
CA PHE A 560 11.36 -18.02 3.05
C PHE A 560 11.67 -19.49 2.80
N LYS A 561 12.81 -19.80 2.17
CA LYS A 561 13.14 -21.18 1.86
C LYS A 561 12.99 -22.11 3.05
N PRO A 562 13.57 -21.84 4.23
CA PRO A 562 13.38 -22.76 5.35
C PRO A 562 11.91 -23.03 5.66
N LEU A 563 11.05 -22.02 5.50
CA LEU A 563 9.64 -22.21 5.78
C LEU A 563 8.98 -23.05 4.69
N LEU A 564 9.36 -22.83 3.43
CA LEU A 564 8.81 -23.65 2.35
C LEU A 564 9.08 -25.13 2.60
N ASP A 565 10.29 -25.47 3.05
CA ASP A 565 10.61 -26.85 3.37
C ASP A 565 9.80 -27.35 4.56
N TRP A 566 9.68 -26.53 5.62
CA TRP A 566 8.90 -26.96 6.79
C TRP A 566 7.44 -27.16 6.43
N LEU A 567 6.88 -26.27 5.62
CA LEU A 567 5.47 -26.37 5.27
C LEU A 567 5.18 -27.61 4.44
N ARG A 568 6.05 -27.92 3.47
CA ARG A 568 5.84 -29.09 2.63
C ARG A 568 5.85 -30.36 3.46
N THR A 569 6.83 -30.49 4.35
CA THR A 569 6.89 -31.64 5.25
C THR A 569 5.65 -31.71 6.13
N GLU A 570 5.24 -30.57 6.70
CA GLU A 570 4.06 -30.54 7.56
C GLU A 570 2.79 -30.90 6.78
N ASN A 571 2.61 -30.30 5.61
CA ASN A 571 1.39 -30.56 4.84
C ASN A 571 1.37 -31.99 4.30
N GLU A 572 2.54 -32.51 3.92
CA GLU A 572 2.63 -33.91 3.52
C GLU A 572 2.23 -34.83 4.66
N LEU A 573 2.75 -34.56 5.86
CA LEU A 573 2.45 -35.37 7.03
C LEU A 573 0.95 -35.49 7.26
N HIS A 574 0.21 -34.42 7.04
CA HIS A 574 -1.23 -34.39 7.28
C HIS A 574 -2.06 -34.70 6.04
N GLY A 575 -1.41 -34.95 4.91
CA GLY A 575 -2.12 -35.32 3.69
C GLY A 575 -2.98 -34.21 3.13
N GLU A 576 -2.53 -32.97 3.20
CA GLU A 576 -3.30 -31.86 2.66
C GLU A 576 -3.40 -31.98 1.14
N LYS A 577 -4.54 -31.57 0.60
CA LYS A 577 -4.71 -31.35 -0.83
C LYS A 577 -4.57 -29.84 -1.08
N LEU A 578 -3.45 -29.44 -1.69
CA LEU A 578 -3.22 -28.03 -1.92
C LEU A 578 -4.22 -27.47 -2.93
N GLY A 579 -4.56 -26.20 -2.75
CA GLY A 579 -5.48 -25.55 -3.66
C GLY A 579 -6.91 -25.75 -3.24
N TRP A 580 -7.80 -25.44 -4.20
CA TRP A 580 -9.25 -25.45 -3.95
C TRP A 580 -9.97 -25.79 -5.24
N PRO A 581 -9.95 -27.07 -5.64
CA PRO A 581 -10.71 -27.44 -6.84
C PRO A 581 -12.21 -27.42 -6.62
#